data_6PLL
#
_entry.id   6PLL
#
_cell.length_a   73.560
_cell.length_b   73.560
_cell.length_c   270.631
_cell.angle_alpha   90.00
_cell.angle_beta   90.00
_cell.angle_gamma   120.00
#
_symmetry.space_group_name_H-M   'P 65 2 2'
#
loop_
_entity.id
_entity.type
_entity.pdbx_description
1 polymer 'Zwei Ig domain protein zig-8'
2 non-polymer 'SULFATE ION'
3 non-polymer 2-acetamido-2-deoxy-beta-D-glucopyranose
4 water water
#
_entity_poly.entity_id   1
_entity_poly.type   'polypeptide(L)'
_entity_poly.pdbx_seq_one_letter_code
;ADPASEEVMACLRQERSRVENPSQTIVNVVAENPAYLHCSVPPDAEHEIAWTRVSDGALLTAGNRTFTRDPRWQVSKKSA
NIWVLNLRRAEQQDSGCYLCEINDKHNTVYAVYLKVLEPHHHHHH
;
_entity_poly.pdbx_strand_id   A,B,C
#
# COMPACT_ATOMS: atom_id res chain seq x y z
N ASP A 2 -16.53 16.16 14.50
CA ASP A 2 -15.96 15.47 15.68
C ASP A 2 -15.06 14.29 15.27
N PRO A 3 -15.50 13.47 14.31
CA PRO A 3 -14.66 12.36 13.83
C PRO A 3 -13.41 12.81 13.08
N ALA A 4 -13.41 14.02 12.52
CA ALA A 4 -12.22 14.51 11.85
C ALA A 4 -11.16 14.94 12.86
N SER A 5 -11.57 15.57 13.96
CA SER A 5 -10.63 15.91 15.02
C SER A 5 -10.17 14.67 15.77
N GLU A 6 -11.11 13.76 16.07
CA GLU A 6 -10.78 12.44 16.60
C GLU A 6 -9.71 11.76 15.76
N GLU A 7 -9.93 11.72 14.45
CA GLU A 7 -8.99 11.04 13.56
C GLU A 7 -7.59 11.63 13.70
N VAL A 8 -7.49 12.95 13.78
CA VAL A 8 -6.19 13.57 13.89
C VAL A 8 -5.55 13.26 15.24
N MET A 9 -6.33 13.29 16.32
CA MET A 9 -5.73 13.01 17.62
C MET A 9 -5.27 11.56 17.70
N ALA A 10 -6.03 10.64 17.09
CA ALA A 10 -5.58 9.26 17.00
C ALA A 10 -4.28 9.15 16.20
N CYS A 11 -4.15 9.93 15.14
CA CYS A 11 -2.88 9.95 14.40
C CYS A 11 -1.73 10.41 15.29
N LEU A 12 -1.91 11.54 15.99
CA LEU A 12 -0.79 12.14 16.69
C LEU A 12 -0.39 11.32 17.92
N ARG A 13 -1.33 10.59 18.53
CA ARG A 13 -0.99 9.76 19.68
C ARG A 13 0.01 8.65 19.32
N GLN A 14 0.23 8.42 18.03
CA GLN A 14 1.16 7.38 17.63
C GLN A 14 2.62 7.81 17.65
N GLU A 15 2.92 9.03 18.11
CA GLU A 15 4.31 9.46 18.21
C GLU A 15 5.03 8.72 19.33
N ARG A 16 6.25 8.26 19.02
CA ARG A 16 7.10 7.56 19.99
C ARG A 16 8.52 8.11 19.84
N SER A 17 8.83 9.18 20.58
CA SER A 17 10.18 9.75 20.57
C SER A 17 10.52 10.32 21.93
N ARG A 18 11.82 10.35 22.22
CA ARG A 18 12.33 10.98 23.43
C ARG A 18 12.30 12.50 23.32
N VAL A 19 12.64 13.04 22.15
CA VAL A 19 12.70 14.47 21.90
C VAL A 19 11.42 14.91 21.22
N GLU A 20 10.96 16.12 21.56
CA GLU A 20 9.78 16.66 20.89
C GLU A 20 10.05 16.87 19.40
N ASN A 21 8.96 16.82 18.64
CA ASN A 21 8.98 16.79 17.19
C ASN A 21 9.09 18.20 16.62
N PRO A 22 10.22 18.55 16.02
CA PRO A 22 10.42 19.91 15.48
C PRO A 22 9.86 20.14 14.08
N SER A 23 9.19 19.15 13.49
CA SER A 23 8.62 19.32 12.17
C SER A 23 7.10 19.47 12.28
N GLN A 24 6.47 19.90 11.17
CA GLN A 24 5.01 19.97 11.16
C GLN A 24 4.41 18.58 11.35
N THR A 25 3.32 18.54 12.12
CA THR A 25 2.58 17.30 12.34
C THR A 25 1.20 17.32 11.68
N ILE A 26 0.72 18.48 11.24
CA ILE A 26 -0.50 18.61 10.46
C ILE A 26 -0.18 19.39 9.19
N VAL A 27 -0.47 18.81 8.04
CA VAL A 27 -0.18 19.41 6.73
C VAL A 27 -1.50 19.54 5.99
N ASN A 28 -1.84 20.77 5.60
CA ASN A 28 -3.03 21.04 4.79
C ASN A 28 -2.60 21.42 3.37
N VAL A 29 -3.27 20.81 2.38
CA VAL A 29 -3.07 21.13 0.97
C VAL A 29 -4.41 21.06 0.23
N VAL A 30 -4.52 21.85 -0.82
CA VAL A 30 -5.67 21.80 -1.71
C VAL A 30 -5.51 20.61 -2.64
N ALA A 31 -6.62 19.96 -2.95
CA ALA A 31 -6.58 18.82 -3.85
C ALA A 31 -5.96 19.20 -5.18
N GLU A 32 -5.23 18.26 -5.76
CA GLU A 32 -4.48 18.40 -7.01
C GLU A 32 -3.22 19.22 -6.84
N ASN A 33 -2.82 19.54 -5.62
CA ASN A 33 -1.59 20.27 -5.38
C ASN A 33 -0.57 19.39 -4.69
N PRO A 34 0.72 19.75 -4.73
CA PRO A 34 1.73 18.95 -4.04
C PRO A 34 1.70 19.15 -2.54
N ALA A 35 2.09 18.10 -1.83
CA ALA A 35 2.22 18.14 -0.37
C ALA A 35 3.64 17.73 0.01
N TYR A 36 4.07 18.19 1.19
CA TYR A 36 5.40 17.87 1.70
C TYR A 36 5.31 17.55 3.19
N LEU A 37 5.71 16.35 3.55
CA LEU A 37 5.77 15.93 4.96
C LEU A 37 7.22 15.94 5.41
N HIS A 38 7.45 16.43 6.61
CA HIS A 38 8.81 16.60 7.11
C HIS A 38 9.08 15.66 8.27
N CYS A 39 10.29 15.10 8.26
CA CYS A 39 10.75 14.22 9.32
C CYS A 39 12.15 14.61 9.71
N SER A 40 12.35 14.92 10.99
CA SER A 40 13.63 15.38 11.50
C SER A 40 14.36 14.25 12.21
N VAL A 41 15.63 14.02 11.85
CA VAL A 41 16.46 13.01 12.51
C VAL A 41 17.47 13.66 13.44
N PRO A 42 18.06 12.90 14.38
CA PRO A 42 19.17 13.44 15.16
C PRO A 42 20.39 13.61 14.29
N PRO A 43 21.24 14.60 14.56
CA PRO A 43 22.22 15.03 13.54
C PRO A 43 23.44 14.13 13.40
N ASP A 44 24.00 13.63 14.51
CA ASP A 44 25.35 13.06 14.47
C ASP A 44 25.40 11.77 13.65
N ALA A 45 24.54 10.80 13.94
CA ALA A 45 24.69 9.55 13.23
C ALA A 45 23.96 9.61 11.88
N GLU A 46 24.20 8.59 11.07
CA GLU A 46 23.62 8.51 9.72
C GLU A 46 22.41 7.58 9.75
N HIS A 47 21.33 8.09 10.33
CA HIS A 47 20.10 7.34 10.41
C HIS A 47 19.25 7.54 9.16
N GLU A 48 18.53 6.49 8.78
CA GLU A 48 17.60 6.55 7.66
C GLU A 48 16.18 6.62 8.19
N ILE A 49 15.27 7.07 7.32
CA ILE A 49 13.85 7.13 7.65
C ILE A 49 13.07 6.30 6.64
N ALA A 50 11.87 5.89 7.05
CA ALA A 50 10.92 5.20 6.20
C ALA A 50 9.54 5.79 6.45
N TRP A 51 8.77 5.98 5.37
CA TRP A 51 7.43 6.53 5.46
C TRP A 51 6.40 5.43 5.27
N THR A 52 5.35 5.47 6.09
CA THR A 52 4.30 4.47 6.06
C THR A 52 2.95 5.14 6.08
N ARG A 53 2.07 4.75 5.16
CA ARG A 53 0.70 5.24 5.13
C ARG A 53 -0.11 4.42 6.12
N VAL A 54 -0.80 5.11 7.03
CA VAL A 54 -1.45 4.42 8.15
C VAL A 54 -2.78 3.81 7.72
N SER A 55 -3.44 4.39 6.70
CA SER A 55 -4.76 3.92 6.31
C SER A 55 -4.75 2.47 5.91
N ASP A 56 -3.65 2.00 5.30
CA ASP A 56 -3.54 0.63 4.84
C ASP A 56 -2.24 -0.05 5.24
N GLY A 57 -1.37 0.62 6.00
CA GLY A 57 -0.09 0.05 6.35
C GLY A 57 0.91 -0.04 5.22
N ALA A 58 0.62 0.56 4.06
CA ALA A 58 1.51 0.45 2.91
C ALA A 58 2.78 1.28 3.13
N LEU A 59 3.94 0.63 3.00
CA LEU A 59 5.23 1.33 3.04
C LEU A 59 5.44 2.15 1.76
N LEU A 60 5.60 3.46 1.91
CA LEU A 60 5.74 4.38 0.79
C LEU A 60 7.20 4.52 0.33
N THR A 61 8.07 5.00 1.23
CA THR A 61 9.48 5.16 0.94
C THR A 61 10.30 4.55 2.06
N ALA A 62 11.54 4.17 1.75
CA ALA A 62 12.46 3.66 2.76
C ALA A 62 13.88 4.11 2.44
N GLY A 63 14.50 4.77 3.40
CA GLY A 63 15.83 5.30 3.16
C GLY A 63 15.80 6.24 1.98
N ASN A 64 16.77 6.07 1.09
CA ASN A 64 16.92 6.96 -0.07
C ASN A 64 15.94 6.66 -1.20
N ARG A 65 15.18 5.56 -1.13
CA ARG A 65 14.47 5.05 -2.30
C ARG A 65 12.98 4.88 -2.02
N THR A 66 12.21 4.81 -3.12
CA THR A 66 10.76 4.69 -3.05
C THR A 66 10.32 3.25 -3.22
N PHE A 67 9.38 2.83 -2.38
CA PHE A 67 8.87 1.46 -2.37
C PHE A 67 7.56 1.32 -3.12
N THR A 68 6.63 2.26 -2.93
CA THR A 68 5.33 2.20 -3.58
C THR A 68 5.49 2.27 -5.08
N ARG A 69 4.59 1.58 -5.78
CA ARG A 69 4.53 1.74 -7.23
C ARG A 69 3.71 2.96 -7.64
N ASP A 70 3.13 3.68 -6.69
CA ASP A 70 2.52 4.97 -6.96
C ASP A 70 3.61 5.99 -7.32
N PRO A 71 3.64 6.50 -8.55
CA PRO A 71 4.73 7.41 -8.93
C PRO A 71 4.64 8.79 -8.29
N ARG A 72 3.53 9.11 -7.63
CA ARG A 72 3.34 10.44 -7.06
C ARG A 72 4.19 10.69 -5.83
N TRP A 73 4.87 9.68 -5.29
CA TRP A 73 5.67 9.84 -4.10
C TRP A 73 7.16 9.84 -4.44
N GLN A 74 7.93 10.65 -3.72
CA GLN A 74 9.38 10.67 -3.78
C GLN A 74 9.91 11.12 -2.43
N VAL A 75 11.06 10.59 -2.05
CA VAL A 75 11.71 10.98 -0.80
C VAL A 75 12.93 11.81 -1.16
N SER A 76 13.22 12.82 -0.34
CA SER A 76 14.38 13.67 -0.58
C SER A 76 14.86 14.27 0.73
N LYS A 77 16.06 14.82 0.67
CA LYS A 77 16.77 15.38 1.81
C LYS A 77 16.76 16.91 1.69
N LYS A 78 16.04 17.58 2.59
CA LYS A 78 16.01 19.03 2.59
C LYS A 78 17.30 19.60 3.18
N SER A 79 17.64 19.17 4.40
CA SER A 79 18.85 19.61 5.09
C SER A 79 19.49 18.39 5.76
N ALA A 80 20.59 18.65 6.48
CA ALA A 80 21.38 17.58 7.07
C ALA A 80 20.53 16.62 7.91
N ASN A 81 19.53 17.15 8.61
CA ASN A 81 18.74 16.33 9.52
C ASN A 81 17.29 16.21 9.10
N ILE A 82 16.89 16.84 8.02
CA ILE A 82 15.49 16.93 7.63
C ILE A 82 15.28 16.12 6.36
N TRP A 83 14.38 15.15 6.42
CA TRP A 83 13.94 14.41 5.25
C TRP A 83 12.54 14.88 4.85
N VAL A 84 12.25 14.83 3.56
CA VAL A 84 10.96 15.29 3.06
C VAL A 84 10.34 14.23 2.16
N LEU A 85 9.11 13.85 2.49
CA LEU A 85 8.28 13.04 1.61
C LEU A 85 7.47 13.98 0.73
N ASN A 86 7.65 13.86 -0.58
CA ASN A 86 6.98 14.71 -1.56
C ASN A 86 5.85 13.91 -2.21
N LEU A 87 4.62 14.38 -2.02
CA LEU A 87 3.44 13.82 -2.69
C LEU A 87 3.02 14.81 -3.78
N ARG A 88 3.33 14.47 -5.04
CA ARG A 88 3.32 15.49 -6.08
C ARG A 88 1.91 15.93 -6.47
N ARG A 89 0.89 15.10 -6.28
CA ARG A 89 -0.47 15.54 -6.58
C ARG A 89 -1.41 14.91 -5.56
N ALA A 90 -1.68 15.63 -4.48
CA ALA A 90 -2.51 15.13 -3.40
C ALA A 90 -3.97 15.12 -3.81
N GLU A 91 -4.67 14.04 -3.47
CA GLU A 91 -6.09 13.88 -3.75
C GLU A 91 -6.78 13.42 -2.48
N GLN A 92 -8.12 13.41 -2.50
CA GLN A 92 -8.86 13.21 -1.26
C GLN A 92 -8.52 11.86 -0.62
N GLN A 93 -8.24 10.83 -1.43
CA GLN A 93 -7.89 9.52 -0.89
C GLN A 93 -6.59 9.52 -0.12
N ASP A 94 -5.73 10.52 -0.33
CA ASP A 94 -4.44 10.60 0.36
C ASP A 94 -4.54 11.18 1.77
N SER A 95 -5.71 11.64 2.20
CA SER A 95 -5.82 12.20 3.54
C SER A 95 -5.64 11.12 4.60
N GLY A 96 -5.09 11.52 5.75
CA GLY A 96 -4.97 10.63 6.90
C GLY A 96 -3.55 10.63 7.46
N CYS A 97 -3.28 9.64 8.31
CA CYS A 97 -2.04 9.59 9.07
C CYS A 97 -0.91 8.94 8.28
N TYR A 98 0.30 9.49 8.45
CA TYR A 98 1.51 8.95 7.87
C TYR A 98 2.58 8.88 8.95
N LEU A 99 3.36 7.81 8.92
CA LEU A 99 4.37 7.57 9.94
C LEU A 99 5.77 7.72 9.34
N CYS A 100 6.63 8.42 10.07
CA CYS A 100 8.05 8.45 9.76
C CYS A 100 8.78 7.66 10.83
N GLU A 101 9.33 6.50 10.46
CA GLU A 101 10.09 5.65 11.37
C GLU A 101 11.57 5.85 11.15
N ILE A 102 12.33 5.98 12.23
CA ILE A 102 13.77 6.16 12.17
C ILE A 102 14.45 4.88 12.57
N ASN A 103 15.46 4.48 11.81
CA ASN A 103 16.22 3.26 12.13
C ASN A 103 17.18 3.45 13.30
N ASP A 104 16.79 4.22 14.31
CA ASP A 104 17.67 4.47 15.44
C ASP A 104 17.49 3.39 16.51
N LYS A 105 18.30 3.48 17.57
CA LYS A 105 18.27 2.47 18.62
C LYS A 105 16.90 2.42 19.31
N HIS A 106 16.24 3.56 19.47
CA HIS A 106 14.99 3.62 20.22
C HIS A 106 13.75 3.44 19.35
N ASN A 107 13.91 3.22 18.05
CA ASN A 107 12.81 3.02 17.11
C ASN A 107 11.83 4.21 17.14
N THR A 108 12.36 5.39 16.84
CA THR A 108 11.60 6.63 16.93
C THR A 108 10.59 6.75 15.80
N VAL A 109 9.33 7.04 16.16
CA VAL A 109 8.27 7.27 15.20
C VAL A 109 7.69 8.67 15.41
N TYR A 110 7.46 9.39 14.31
CA TYR A 110 6.75 10.65 14.34
C TYR A 110 5.49 10.55 13.50
N ALA A 111 4.42 11.18 13.97
CA ALA A 111 3.14 11.16 13.28
C ALA A 111 2.91 12.47 12.55
N VAL A 112 2.41 12.37 11.32
CA VAL A 112 2.02 13.55 10.56
C VAL A 112 0.67 13.26 9.92
N TYR A 113 -0.29 14.18 10.12
CA TYR A 113 -1.58 14.06 9.49
C TYR A 113 -1.66 14.95 8.26
N LEU A 114 -2.08 14.37 7.14
CA LEU A 114 -2.27 15.10 5.89
C LEU A 114 -3.76 15.25 5.62
N LYS A 115 -4.22 16.48 5.44
CA LYS A 115 -5.62 16.75 5.15
C LYS A 115 -5.73 17.45 3.81
N VAL A 116 -6.40 16.80 2.87
CA VAL A 116 -6.55 17.31 1.51
C VAL A 116 -7.93 17.95 1.39
N LEU A 117 -7.97 19.18 0.92
CA LEU A 117 -9.21 19.94 0.83
C LEU A 117 -9.62 20.09 -0.63
N GLU A 118 -10.86 19.70 -0.95
CA GLU A 118 -11.37 19.77 -2.31
C GLU A 118 -12.29 20.98 -2.44
N PRO A 119 -12.02 21.92 -3.36
CA PRO A 119 -12.85 23.10 -3.57
C PRO A 119 -14.18 22.77 -4.25
N ASP B 2 -0.82 -23.21 26.64
CA ASP B 2 -1.22 -22.86 25.29
C ASP B 2 -1.05 -21.38 24.87
N PRO B 3 0.07 -20.74 25.24
CA PRO B 3 0.30 -19.36 24.73
C PRO B 3 0.87 -19.37 23.34
N ALA B 4 1.49 -20.47 22.92
CA ALA B 4 2.12 -20.55 21.62
C ALA B 4 1.09 -20.63 20.51
N SER B 5 -0.03 -21.34 20.73
CA SER B 5 -1.04 -21.48 19.68
C SER B 5 -1.63 -20.13 19.34
N GLU B 6 -1.95 -19.32 20.36
CA GLU B 6 -2.47 -17.98 20.14
C GLU B 6 -1.46 -17.11 19.42
N GLU B 7 -0.17 -17.25 19.76
CA GLU B 7 0.86 -16.46 19.11
C GLU B 7 0.95 -16.82 17.62
N VAL B 8 0.91 -18.10 17.30
CA VAL B 8 1.01 -18.54 15.91
C VAL B 8 -0.22 -18.11 15.13
N MET B 9 -1.40 -18.36 15.67
CA MET B 9 -2.62 -18.03 14.96
C MET B 9 -2.76 -16.53 14.75
N ALA B 10 -2.32 -15.74 15.74
CA ALA B 10 -2.36 -14.29 15.58
C ALA B 10 -1.39 -13.82 14.51
N CYS B 11 -0.21 -14.44 14.44
CA CYS B 11 0.71 -14.11 13.37
C CYS B 11 0.12 -14.44 12.00
N LEU B 12 -0.40 -15.65 11.84
CA LEU B 12 -0.82 -16.09 10.51
C LEU B 12 -2.07 -15.34 10.03
N ARG B 13 -2.94 -14.93 10.95
CA ARG B 13 -4.16 -14.22 10.53
C ARG B 13 -3.84 -12.89 9.87
N GLN B 14 -2.66 -12.33 10.11
CA GLN B 14 -2.24 -11.10 9.46
C GLN B 14 -1.92 -11.26 7.99
N GLU B 15 -2.05 -12.47 7.42
CA GLU B 15 -1.83 -12.63 6.00
C GLU B 15 -2.92 -11.91 5.22
N ARG B 16 -2.54 -11.29 4.10
CA ARG B 16 -3.50 -10.61 3.22
C ARG B 16 -3.09 -10.91 1.78
N SER B 17 -3.64 -11.98 1.22
CA SER B 17 -3.35 -12.27 -0.17
C SER B 17 -4.51 -13.00 -0.82
N ARG B 18 -4.74 -12.69 -2.10
CA ARG B 18 -5.56 -13.56 -2.94
C ARG B 18 -4.93 -14.94 -3.05
N VAL B 19 -3.71 -14.99 -3.58
CA VAL B 19 -2.94 -16.22 -3.70
C VAL B 19 -2.41 -16.60 -2.33
N GLU B 20 -2.69 -17.82 -1.89
CA GLU B 20 -2.26 -18.22 -0.55
C GLU B 20 -0.77 -18.58 -0.57
N ASN B 21 -0.11 -18.35 0.55
CA ASN B 21 1.34 -18.36 0.64
C ASN B 21 1.89 -19.72 0.23
N PRO B 22 2.76 -19.79 -0.79
CA PRO B 22 3.42 -21.06 -1.13
C PRO B 22 4.68 -21.33 -0.33
N SER B 23 5.16 -20.40 0.47
CA SER B 23 6.36 -20.61 1.28
C SER B 23 5.95 -21.10 2.67
N GLN B 24 6.94 -21.52 3.45
CA GLN B 24 6.67 -21.91 4.83
C GLN B 24 6.22 -20.70 5.64
N THR B 25 5.23 -20.93 6.50
CA THR B 25 4.71 -19.89 7.38
C THR B 25 5.13 -20.08 8.83
N ILE B 26 5.65 -21.25 9.18
CA ILE B 26 6.17 -21.51 10.51
C ILE B 26 7.61 -21.99 10.36
N VAL B 27 8.52 -21.41 11.17
CA VAL B 27 9.96 -21.62 11.06
C VAL B 27 10.50 -21.82 12.46
N ASN B 28 10.89 -23.05 12.79
CA ASN B 28 11.53 -23.34 14.06
C ASN B 28 13.05 -23.37 13.85
N VAL B 29 13.77 -22.67 14.72
CA VAL B 29 15.23 -22.76 14.76
C VAL B 29 15.67 -22.91 16.20
N VAL B 30 16.91 -23.33 16.34
CA VAL B 30 17.58 -23.42 17.63
C VAL B 30 18.32 -22.12 17.88
N ALA B 31 18.25 -21.64 19.12
CA ALA B 31 19.00 -20.45 19.52
C ALA B 31 20.47 -20.61 19.17
N GLU B 32 21.09 -19.49 18.79
CA GLU B 32 22.47 -19.31 18.32
C GLU B 32 22.63 -19.71 16.86
N ASN B 33 21.58 -20.20 16.21
CA ASN B 33 21.65 -20.64 14.82
C ASN B 33 21.04 -19.60 13.89
N PRO B 34 21.33 -19.69 12.60
CA PRO B 34 20.71 -18.79 11.64
C PRO B 34 19.28 -19.20 11.31
N ALA B 35 18.47 -18.21 10.96
CA ALA B 35 17.13 -18.46 10.45
C ALA B 35 17.01 -17.88 9.05
N TYR B 36 16.05 -18.41 8.30
CA TYR B 36 15.78 -17.94 6.96
C TYR B 36 14.29 -17.94 6.74
N LEU B 37 13.72 -16.76 6.56
CA LEU B 37 12.31 -16.63 6.26
C LEU B 37 12.14 -16.42 4.77
N HIS B 38 11.14 -17.09 4.20
CA HIS B 38 10.94 -17.10 2.76
C HIS B 38 9.71 -16.28 2.41
N CYS B 39 9.80 -15.58 1.28
CA CYS B 39 8.69 -14.81 0.74
C CYS B 39 8.62 -15.04 -0.75
N SER B 40 7.44 -15.46 -1.22
CA SER B 40 7.23 -15.78 -2.63
C SER B 40 6.47 -14.64 -3.30
N VAL B 41 7.01 -14.13 -4.40
CA VAL B 41 6.35 -13.04 -5.11
C VAL B 41 5.42 -13.63 -6.17
N PRO B 42 4.18 -13.15 -6.25
CA PRO B 42 3.23 -13.56 -7.31
C PRO B 42 3.63 -13.01 -8.68
N ALA B 45 4.92 -8.74 -12.79
CA ALA B 45 5.62 -7.47 -12.96
C ALA B 45 7.00 -7.50 -12.32
N GLU B 46 7.46 -6.34 -11.87
CA GLU B 46 8.76 -6.17 -11.22
C GLU B 46 8.49 -5.61 -9.82
N HIS B 47 8.06 -6.49 -8.92
CA HIS B 47 7.69 -6.08 -7.58
C HIS B 47 8.88 -6.16 -6.65
N GLU B 48 8.77 -5.43 -5.54
CA GLU B 48 9.74 -5.49 -4.47
C GLU B 48 9.05 -5.98 -3.21
N ILE B 49 9.85 -6.44 -2.25
CA ILE B 49 9.29 -6.90 -0.98
C ILE B 49 9.97 -6.16 0.16
N ALA B 50 9.28 -6.13 1.30
CA ALA B 50 9.76 -5.47 2.51
C ALA B 50 9.44 -6.38 3.69
N TRP B 51 10.40 -6.48 4.63
CA TRP B 51 10.24 -7.30 5.84
C TRP B 51 10.05 -6.44 7.08
N THR B 52 9.10 -6.84 7.92
CA THR B 52 8.65 -6.07 9.07
C THR B 52 8.50 -6.96 10.29
N ARG B 53 9.16 -6.62 11.38
CA ARG B 53 8.95 -7.30 12.64
C ARG B 53 7.67 -6.77 13.28
N VAL B 54 6.79 -7.69 13.71
CA VAL B 54 5.48 -7.28 14.19
C VAL B 54 5.54 -6.82 15.65
N SER B 55 6.40 -7.45 16.47
CA SER B 55 6.35 -7.15 17.90
C SER B 55 6.58 -5.67 18.18
N ASP B 56 7.35 -4.97 17.34
CA ASP B 56 7.59 -3.55 17.54
C ASP B 56 7.38 -2.70 16.30
N GLY B 57 6.94 -3.28 15.19
CA GLY B 57 6.66 -2.52 13.99
C GLY B 57 7.87 -2.07 13.21
N ALA B 58 9.04 -2.61 13.52
CA ALA B 58 10.28 -2.14 12.95
C ALA B 58 10.50 -2.72 11.56
N LEU B 59 10.68 -1.83 10.57
CA LEU B 59 11.06 -2.23 9.22
C LEU B 59 12.49 -2.75 9.24
N LEU B 60 12.68 -4.00 8.80
CA LEU B 60 13.99 -4.64 8.79
C LEU B 60 14.71 -4.42 7.46
N THR B 61 14.11 -4.83 6.35
CA THR B 61 14.68 -4.67 5.02
C THR B 61 13.57 -4.33 4.04
N ALA B 62 13.91 -3.50 3.05
CA ALA B 62 12.98 -3.12 1.98
C ALA B 62 13.73 -3.18 0.66
N GLY B 63 13.31 -4.08 -0.21
CA GLY B 63 13.97 -4.22 -1.49
C GLY B 63 15.34 -4.85 -1.33
N ASN B 64 16.32 -4.32 -2.06
CA ASN B 64 17.68 -4.86 -2.13
C ASN B 64 18.53 -4.55 -0.90
N ARG B 65 18.09 -3.63 -0.03
CA ARG B 65 18.94 -3.11 1.03
C ARG B 65 18.27 -3.23 2.40
N THR B 66 19.13 -3.22 3.43
CA THR B 66 18.70 -3.42 4.81
C THR B 66 18.40 -2.07 5.46
N PHE B 67 17.28 -1.99 6.17
CA PHE B 67 16.92 -0.74 6.84
C PHE B 67 17.38 -0.71 8.29
N THR B 68 17.03 -1.73 9.07
CA THR B 68 17.44 -1.84 10.46
C THR B 68 18.94 -1.66 10.62
N ARG B 69 19.33 -1.07 11.74
CA ARG B 69 20.75 -0.99 12.10
C ARG B 69 21.22 -2.23 12.85
N ASP B 70 20.35 -3.21 13.05
CA ASP B 70 20.76 -4.53 13.54
C ASP B 70 21.53 -5.24 12.43
N PRO B 71 22.80 -5.59 12.64
CA PRO B 71 23.57 -6.21 11.55
C PRO B 71 23.22 -7.66 11.28
N ARG B 72 22.44 -8.31 12.16
CA ARG B 72 22.14 -9.72 11.98
C ARG B 72 21.21 -9.98 10.79
N TRP B 73 20.55 -8.95 10.27
CA TRP B 73 19.55 -9.09 9.23
C TRP B 73 20.12 -8.76 7.87
N GLN B 74 19.79 -9.58 6.87
CA GLN B 74 20.15 -9.33 5.50
C GLN B 74 19.08 -9.94 4.61
N VAL B 75 18.83 -9.32 3.47
CA VAL B 75 17.85 -9.80 2.52
C VAL B 75 18.61 -10.32 1.30
N SER B 76 18.11 -11.40 0.70
CA SER B 76 18.81 -12.01 -0.44
C SER B 76 17.80 -12.71 -1.34
N LYS B 77 18.23 -12.96 -2.57
CA LYS B 77 17.41 -13.59 -3.60
C LYS B 77 17.83 -15.05 -3.72
N LYS B 78 16.95 -15.97 -3.30
CA LYS B 78 17.27 -17.39 -3.42
C LYS B 78 17.04 -17.89 -4.84
N SER B 79 15.87 -17.55 -5.41
CA SER B 79 15.51 -17.90 -6.78
C SER B 79 14.83 -16.69 -7.41
N ALA B 80 14.31 -16.87 -8.63
CA ALA B 80 13.74 -15.76 -9.37
C ALA B 80 12.48 -15.20 -8.72
N ASN B 81 11.78 -16.01 -7.92
CA ASN B 81 10.52 -15.58 -7.31
C ASN B 81 10.52 -15.72 -5.80
N ILE B 82 11.66 -16.06 -5.19
CA ILE B 82 11.76 -16.27 -3.75
C ILE B 82 12.82 -15.34 -3.20
N TRP B 83 12.44 -14.52 -2.21
CA TRP B 83 13.35 -13.71 -1.42
C TRP B 83 13.50 -14.30 -0.04
N VAL B 84 14.66 -14.08 0.58
CA VAL B 84 14.98 -14.68 1.88
C VAL B 84 15.44 -13.59 2.83
N LEU B 85 14.88 -13.59 4.03
CA LEU B 85 15.37 -12.77 5.14
C LEU B 85 16.30 -13.64 5.98
N ASN B 86 17.58 -13.24 6.07
CA ASN B 86 18.59 -13.98 6.81
C ASN B 86 18.82 -13.32 8.16
N LEU B 87 18.54 -14.05 9.25
CA LEU B 87 18.87 -13.62 10.60
C LEU B 87 20.08 -14.43 11.07
N ARG B 88 21.25 -13.79 11.13
CA ARG B 88 22.48 -14.57 11.23
C ARG B 88 22.66 -15.24 12.59
N ARG B 89 22.05 -14.70 13.66
CA ARG B 89 22.18 -15.37 14.96
C ARG B 89 20.89 -15.14 15.74
N ALA B 90 19.96 -16.08 15.63
CA ALA B 90 18.68 -15.99 16.31
C ALA B 90 18.83 -16.25 17.81
N GLU B 91 18.08 -15.47 18.60
CA GLU B 91 17.93 -15.70 20.02
C GLU B 91 16.44 -15.73 20.34
N GLN B 92 16.08 -16.16 21.55
CA GLN B 92 14.68 -16.49 21.78
C GLN B 92 13.80 -15.27 21.73
N GLN B 93 14.32 -14.08 22.09
CA GLN B 93 13.53 -12.86 22.01
C GLN B 93 13.16 -12.51 20.58
N ASP B 94 13.84 -13.10 19.59
CA ASP B 94 13.50 -12.89 18.19
C ASP B 94 12.22 -13.62 17.78
N SER B 95 11.68 -14.49 18.63
CA SER B 95 10.45 -15.21 18.30
C SER B 95 9.28 -14.24 18.09
N GLY B 96 8.47 -14.53 17.09
CA GLY B 96 7.28 -13.74 16.85
C GLY B 96 6.98 -13.65 15.37
N CYS B 97 5.98 -12.82 15.06
CA CYS B 97 5.50 -12.70 13.71
C CYS B 97 6.39 -11.78 12.88
N TYR B 98 6.51 -12.10 11.60
CA TYR B 98 7.25 -11.25 10.68
C TYR B 98 6.45 -11.17 9.39
N LEU B 99 6.34 -9.98 8.83
CA LEU B 99 5.46 -9.72 7.70
C LEU B 99 6.28 -9.45 6.45
N CYS B 100 5.92 -10.10 5.36
CA CYS B 100 6.52 -9.80 4.07
C CYS B 100 5.49 -9.00 3.29
N GLU B 101 5.82 -7.75 3.00
CA GLU B 101 4.90 -6.89 2.27
C GLU B 101 5.38 -6.74 0.84
N ILE B 102 4.47 -6.85 -0.10
CA ILE B 102 4.77 -6.69 -1.52
C ILE B 102 4.24 -5.34 -1.97
N ASN B 103 5.03 -4.64 -2.77
CA ASN B 103 4.67 -3.30 -3.20
C ASN B 103 3.62 -3.28 -4.31
N ASP B 104 2.65 -4.19 -4.23
CA ASP B 104 1.66 -4.35 -5.28
C ASP B 104 0.37 -3.57 -4.98
N LYS B 105 -0.51 -3.51 -5.99
CA LYS B 105 -1.76 -2.78 -5.86
C LYS B 105 -2.70 -3.40 -4.85
N HIS B 106 -2.50 -4.68 -4.53
CA HIS B 106 -3.34 -5.41 -3.59
C HIS B 106 -2.89 -5.26 -2.14
N ASN B 107 -1.72 -4.66 -1.90
CA ASN B 107 -1.12 -4.59 -0.56
C ASN B 107 -1.00 -6.00 0.02
N THR B 108 -0.31 -6.86 -0.71
CA THR B 108 -0.20 -8.26 -0.33
C THR B 108 0.78 -8.40 0.83
N VAL B 109 0.35 -9.11 1.87
CA VAL B 109 1.16 -9.34 3.05
C VAL B 109 1.20 -10.84 3.31
N TYR B 110 2.40 -11.36 3.48
CA TYR B 110 2.60 -12.75 3.86
C TYR B 110 3.19 -12.78 5.26
N ALA B 111 2.53 -13.49 6.16
CA ALA B 111 3.01 -13.65 7.53
C ALA B 111 3.89 -14.89 7.67
N VAL B 112 4.96 -14.76 8.45
CA VAL B 112 5.83 -15.87 8.79
C VAL B 112 6.07 -15.85 10.28
N TYR B 113 5.83 -16.98 10.95
CA TYR B 113 6.08 -17.10 12.38
C TYR B 113 7.42 -17.81 12.60
N LEU B 114 8.33 -17.13 13.30
CA LEU B 114 9.60 -17.68 13.69
C LEU B 114 9.53 -18.08 15.16
N LYS B 115 9.85 -19.34 15.44
CA LYS B 115 9.98 -19.82 16.83
C LYS B 115 11.42 -20.18 17.10
N VAL B 116 12.03 -19.49 18.06
CA VAL B 116 13.41 -19.74 18.46
C VAL B 116 13.35 -20.49 19.78
N LEU B 117 13.79 -21.75 19.78
CA LEU B 117 13.84 -22.59 20.97
C LEU B 117 15.27 -22.70 21.43
N GLU B 118 15.48 -22.70 22.75
CA GLU B 118 16.83 -22.81 23.27
C GLU B 118 16.99 -24.10 24.07
N PRO B 119 18.07 -24.86 23.83
CA PRO B 119 18.26 -26.17 24.47
C PRO B 119 18.64 -26.04 25.94
N SER C 5 -16.01 7.81 2.71
CA SER C 5 -16.06 6.55 3.46
C SER C 5 -14.65 6.04 3.75
N GLU C 6 -14.43 4.75 3.50
CA GLU C 6 -13.10 4.16 3.54
C GLU C 6 -13.05 3.02 2.53
N GLU C 7 -14.21 2.41 2.25
CA GLU C 7 -14.36 1.55 1.08
C GLU C 7 -13.99 2.33 -0.17
N VAL C 8 -14.57 3.52 -0.32
CA VAL C 8 -14.34 4.35 -1.51
C VAL C 8 -12.92 4.88 -1.51
N MET C 9 -12.38 5.22 -0.33
CA MET C 9 -11.02 5.75 -0.27
C MET C 9 -10.01 4.69 -0.68
N ALA C 10 -10.16 3.46 -0.17
CA ALA C 10 -9.25 2.37 -0.51
C ALA C 10 -9.30 2.04 -1.99
N CYS C 11 -10.46 2.26 -2.63
CA CYS C 11 -10.59 2.03 -4.05
C CYS C 11 -9.81 3.08 -4.85
N LEU C 12 -10.00 4.36 -4.51
CA LEU C 12 -9.29 5.45 -5.20
C LEU C 12 -7.78 5.39 -4.98
N ARG C 13 -7.32 4.82 -3.86
CA ARG C 13 -5.90 4.62 -3.62
C ARG C 13 -5.26 3.68 -4.63
N GLN C 14 -6.05 2.91 -5.37
CA GLN C 14 -5.48 2.03 -6.38
C GLN C 14 -5.21 2.75 -7.68
N GLU C 15 -5.57 4.04 -7.80
CA GLU C 15 -5.29 4.79 -9.01
C GLU C 15 -3.79 4.98 -9.17
N ARG C 16 -3.27 4.69 -10.36
CA ARG C 16 -1.85 4.87 -10.70
C ARG C 16 -1.76 5.63 -12.01
N SER C 17 -1.53 6.93 -11.95
CA SER C 17 -1.48 7.73 -13.17
C SER C 17 -0.58 8.95 -12.95
N ARG C 18 -0.10 9.50 -14.06
CA ARG C 18 0.61 10.77 -14.02
C ARG C 18 -0.36 11.94 -14.05
N VAL C 19 -1.38 11.86 -14.89
CA VAL C 19 -2.40 12.90 -15.04
C VAL C 19 -3.55 12.62 -14.08
N GLU C 20 -4.15 13.68 -13.54
CA GLU C 20 -5.32 13.54 -12.68
C GLU C 20 -6.46 12.88 -13.45
N ASN C 21 -7.21 12.01 -12.76
CA ASN C 21 -8.36 11.34 -13.36
C ASN C 21 -9.43 12.36 -13.74
N PRO C 22 -9.75 12.51 -15.02
CA PRO C 22 -10.77 13.49 -15.43
C PRO C 22 -12.21 12.96 -15.45
N SER C 23 -12.41 11.66 -15.27
CA SER C 23 -13.74 11.07 -15.20
C SER C 23 -14.17 10.92 -13.74
N GLN C 24 -15.48 10.74 -13.55
CA GLN C 24 -16.04 10.54 -12.21
C GLN C 24 -15.39 9.33 -11.54
N THR C 25 -15.11 9.46 -10.25
CA THR C 25 -14.51 8.38 -9.48
C THR C 25 -15.50 7.69 -8.55
N ILE C 26 -16.72 8.21 -8.44
CA ILE C 26 -17.76 7.65 -7.57
C ILE C 26 -19.07 7.68 -8.35
N VAL C 27 -19.72 6.52 -8.46
CA VAL C 27 -20.97 6.39 -9.22
C VAL C 27 -22.00 5.74 -8.30
N ASN C 28 -23.05 6.48 -7.95
CA ASN C 28 -24.17 5.97 -7.18
C ASN C 28 -25.36 5.76 -8.10
N VAL C 29 -25.99 4.59 -8.02
CA VAL C 29 -27.17 4.26 -8.82
C VAL C 29 -28.16 3.48 -7.97
N VAL C 30 -29.43 3.54 -8.38
CA VAL C 30 -30.49 2.76 -7.77
C VAL C 30 -30.57 1.41 -8.46
N ALA C 31 -30.75 0.36 -7.66
CA ALA C 31 -30.75 -1.00 -8.19
C ALA C 31 -31.75 -1.13 -9.33
N GLU C 32 -31.42 -2.01 -10.28
CA GLU C 32 -32.22 -2.31 -11.47
C GLU C 32 -32.27 -1.15 -12.46
N ASN C 33 -31.41 -0.14 -12.30
CA ASN C 33 -31.23 0.94 -13.25
C ASN C 33 -29.83 0.88 -13.85
N PRO C 34 -29.64 1.45 -15.04
CA PRO C 34 -28.31 1.40 -15.67
C PRO C 34 -27.28 2.25 -14.94
N ALA C 35 -26.05 1.76 -14.94
CA ALA C 35 -24.89 2.50 -14.44
C ALA C 35 -23.91 2.72 -15.59
N TYR C 36 -23.09 3.76 -15.47
CA TYR C 36 -22.15 4.13 -16.52
C TYR C 36 -20.84 4.56 -15.89
N LEU C 37 -19.79 3.81 -16.17
CA LEU C 37 -18.44 4.11 -15.70
C LEU C 37 -17.64 4.63 -16.89
N HIS C 38 -17.10 5.85 -16.76
CA HIS C 38 -16.35 6.45 -17.84
C HIS C 38 -14.86 6.33 -17.55
N CYS C 39 -14.08 6.11 -18.60
CA CYS C 39 -12.63 6.07 -18.52
C CYS C 39 -12.07 6.98 -19.60
N SER C 40 -11.14 7.85 -19.23
CA SER C 40 -10.49 8.77 -20.15
C SER C 40 -9.18 8.19 -20.62
N VAL C 41 -9.02 8.09 -21.93
CA VAL C 41 -7.93 7.37 -22.59
C VAL C 41 -6.91 8.40 -23.04
N PRO C 42 -5.65 8.29 -22.62
CA PRO C 42 -4.56 9.17 -23.14
C PRO C 42 -4.43 9.00 -24.64
N PRO C 43 -4.60 10.07 -25.44
CA PRO C 43 -4.54 9.92 -26.91
C PRO C 43 -3.16 9.95 -27.55
N ASP C 44 -2.10 9.93 -26.75
CA ASP C 44 -0.73 9.69 -27.20
C ASP C 44 -0.20 8.61 -26.28
N ALA C 45 -0.73 7.40 -26.50
CA ALA C 45 -0.46 6.17 -25.77
C ALA C 45 -1.28 5.08 -26.40
N GLU C 46 -0.83 3.85 -26.18
CA GLU C 46 -1.58 2.67 -26.58
C GLU C 46 -2.99 2.71 -26.01
N HIS C 47 -3.97 2.88 -26.90
CA HIS C 47 -5.36 3.20 -26.56
C HIS C 47 -6.18 1.98 -26.11
N GLU C 48 -5.57 0.94 -25.54
CA GLU C 48 -6.29 -0.28 -25.17
C GLU C 48 -6.66 -0.25 -23.69
N ILE C 49 -7.95 -0.40 -23.38
CA ILE C 49 -8.44 -0.34 -22.00
C ILE C 49 -9.21 -1.61 -21.65
N ALA C 50 -9.04 -2.05 -20.41
CA ALA C 50 -9.73 -3.23 -19.89
C ALA C 50 -10.41 -2.87 -18.57
N TRP C 51 -11.58 -3.43 -18.34
CA TRP C 51 -12.32 -3.20 -17.10
C TRP C 51 -12.15 -4.38 -16.17
N THR C 52 -11.95 -4.10 -14.89
CA THR C 52 -11.63 -5.12 -13.90
C THR C 52 -12.47 -4.91 -12.64
N ARG C 53 -13.18 -5.96 -12.24
CA ARG C 53 -13.92 -5.93 -10.98
C ARG C 53 -12.98 -6.37 -9.86
N VAL C 54 -12.75 -5.48 -8.89
CA VAL C 54 -11.72 -5.75 -7.88
C VAL C 54 -12.17 -6.85 -6.92
N SER C 55 -13.47 -6.96 -6.65
CA SER C 55 -13.94 -7.86 -5.62
C SER C 55 -13.47 -9.29 -5.86
N ASP C 56 -13.56 -9.74 -7.12
CA ASP C 56 -13.18 -11.10 -7.50
C ASP C 56 -12.10 -11.12 -8.58
N GLY C 57 -11.57 -9.96 -8.96
CA GLY C 57 -10.55 -9.90 -9.99
C GLY C 57 -11.02 -10.24 -11.39
N ALA C 58 -12.32 -10.18 -11.64
CA ALA C 58 -12.84 -10.56 -12.95
C ALA C 58 -12.42 -9.55 -14.01
N LEU C 59 -11.89 -10.04 -15.11
CA LEU C 59 -11.70 -9.22 -16.30
C LEU C 59 -13.03 -9.16 -17.05
N LEU C 60 -13.68 -8.00 -17.03
CA LEU C 60 -15.01 -7.87 -17.61
C LEU C 60 -14.94 -7.65 -19.12
N THR C 61 -14.27 -6.58 -19.55
CA THR C 61 -13.98 -6.33 -20.95
C THR C 61 -12.50 -6.02 -21.08
N ALA C 62 -11.98 -6.10 -22.32
CA ALA C 62 -10.59 -5.80 -22.59
C ALA C 62 -10.51 -5.12 -23.96
N GLY C 63 -11.14 -3.94 -24.04
CA GLY C 63 -11.27 -3.20 -25.29
C GLY C 63 -12.72 -3.14 -25.73
N ASN C 64 -12.92 -3.32 -27.03
CA ASN C 64 -14.26 -3.31 -27.62
C ASN C 64 -15.02 -4.61 -27.34
N ARG C 65 -14.39 -5.63 -26.74
CA ARG C 65 -14.99 -6.95 -26.56
C ARG C 65 -15.25 -7.27 -25.10
N THR C 66 -16.30 -8.06 -24.86
CA THR C 66 -16.71 -8.44 -23.51
C THR C 66 -16.20 -9.82 -23.15
N PHE C 67 -15.71 -9.96 -21.92
CA PHE C 67 -15.20 -11.22 -21.40
C PHE C 67 -16.16 -11.89 -20.44
N THR C 68 -16.84 -11.12 -19.60
CA THR C 68 -17.81 -11.70 -18.71
C THR C 68 -19.01 -12.22 -19.49
N ARG C 69 -19.62 -13.28 -18.97
CA ARG C 69 -20.78 -13.88 -19.59
C ARG C 69 -22.09 -13.38 -18.97
N ASP C 70 -22.02 -12.37 -18.10
CA ASP C 70 -23.21 -11.68 -17.59
C ASP C 70 -23.58 -10.62 -18.62
N PRO C 71 -24.72 -10.79 -19.30
CA PRO C 71 -25.02 -9.96 -20.48
C PRO C 71 -25.34 -8.52 -20.13
N ARG C 72 -25.43 -8.18 -18.85
CA ARG C 72 -25.73 -6.82 -18.45
C ARG C 72 -24.57 -5.86 -18.67
N TRP C 73 -23.38 -6.35 -19.02
CA TRP C 73 -22.21 -5.50 -19.23
C TRP C 73 -21.98 -5.27 -20.71
N GLN C 74 -21.65 -4.02 -21.06
CA GLN C 74 -21.24 -3.68 -22.42
C GLN C 74 -20.29 -2.50 -22.37
N VAL C 75 -19.33 -2.51 -23.28
CA VAL C 75 -18.34 -1.44 -23.40
C VAL C 75 -18.58 -0.72 -24.72
N SER C 76 -18.48 0.62 -24.69
CA SER C 76 -18.76 1.43 -25.87
C SER C 76 -17.82 2.62 -25.91
N LYS C 77 -17.75 3.23 -27.09
CA LYS C 77 -16.93 4.42 -27.32
C LYS C 77 -17.85 5.63 -27.31
N LYS C 78 -17.86 6.38 -26.20
CA LYS C 78 -18.68 7.58 -26.10
C LYS C 78 -18.09 8.72 -26.91
N SER C 79 -16.76 8.89 -26.84
CA SER C 79 -16.06 9.90 -27.63
C SER C 79 -14.68 9.36 -27.97
N ALA C 80 -13.89 10.19 -28.66
CA ALA C 80 -12.56 9.76 -29.10
C ALA C 80 -11.66 9.37 -27.93
N ASN C 81 -11.86 9.98 -26.76
CA ASN C 81 -11.00 9.75 -25.61
C ASN C 81 -11.72 9.14 -24.41
N ILE C 82 -13.00 8.84 -24.52
CA ILE C 82 -13.80 8.35 -23.39
C ILE C 82 -14.44 7.02 -23.77
N TRP C 83 -14.14 5.99 -22.99
CA TRP C 83 -14.81 4.69 -23.05
C TRP C 83 -15.82 4.59 -21.92
N VAL C 84 -16.89 3.84 -22.18
CA VAL C 84 -17.98 3.66 -21.23
C VAL C 84 -18.15 2.16 -20.99
N LEU C 85 -18.22 1.77 -19.73
CA LEU C 85 -18.65 0.44 -19.33
C LEU C 85 -20.10 0.55 -18.87
N ASN C 86 -21.01 -0.06 -19.62
CA ASN C 86 -22.44 -0.01 -19.32
C ASN C 86 -22.81 -1.23 -18.50
N LEU C 87 -23.36 -1.01 -17.31
CA LEU C 87 -23.98 -2.07 -16.50
C LEU C 87 -25.49 -1.92 -16.64
N ARG C 88 -26.12 -2.87 -17.35
CA ARG C 88 -27.47 -2.65 -17.83
C ARG C 88 -28.49 -2.62 -16.69
N ARG C 89 -28.35 -3.51 -15.70
CA ARG C 89 -29.24 -3.52 -14.55
C ARG C 89 -28.38 -3.76 -13.31
N ALA C 90 -28.12 -2.68 -12.57
CA ALA C 90 -27.25 -2.76 -11.40
C ALA C 90 -27.99 -3.39 -10.22
N GLU C 91 -27.29 -4.27 -9.50
CA GLU C 91 -27.79 -4.89 -8.29
C GLU C 91 -26.91 -4.49 -7.13
N GLN C 92 -27.41 -4.74 -5.91
CA GLN C 92 -26.63 -4.42 -4.72
C GLN C 92 -25.32 -5.19 -4.70
N GLN C 93 -25.28 -6.35 -5.36
CA GLN C 93 -24.07 -7.15 -5.49
C GLN C 93 -23.08 -6.56 -6.48
N ASP C 94 -23.50 -5.58 -7.28
CA ASP C 94 -22.60 -4.92 -8.22
C ASP C 94 -21.85 -3.75 -7.61
N SER C 95 -22.18 -3.33 -6.39
CA SER C 95 -21.47 -2.22 -5.78
C SER C 95 -20.06 -2.64 -5.37
N GLY C 96 -19.09 -1.78 -5.62
CA GLY C 96 -17.72 -2.05 -5.27
C GLY C 96 -16.79 -1.32 -6.23
N CYS C 97 -15.51 -1.68 -6.15
CA CYS C 97 -14.47 -1.00 -6.92
C CYS C 97 -14.31 -1.62 -8.31
N TYR C 98 -13.99 -0.76 -9.28
CA TYR C 98 -13.74 -1.17 -10.66
C TYR C 98 -12.51 -0.43 -11.18
N LEU C 99 -11.68 -1.13 -11.95
CA LEU C 99 -10.42 -0.60 -12.44
C LEU C 99 -10.42 -0.52 -13.96
N CYS C 100 -10.17 0.69 -14.49
CA CYS C 100 -9.84 0.90 -15.89
C CYS C 100 -8.31 0.96 -16.03
N GLU C 101 -7.74 0.01 -16.78
CA GLU C 101 -6.29 -0.04 -16.96
C GLU C 101 -5.98 0.16 -18.44
N ILE C 102 -4.99 1.00 -18.72
CA ILE C 102 -4.62 1.36 -20.08
C ILE C 102 -3.23 0.80 -20.33
N ASN C 103 -3.07 0.09 -21.44
CA ASN C 103 -1.73 -0.46 -21.73
C ASN C 103 -0.76 0.59 -22.28
N ASP C 104 -0.78 1.80 -21.72
CA ASP C 104 0.19 2.81 -22.10
C ASP C 104 1.56 2.48 -21.49
N LYS C 105 2.57 3.27 -21.88
CA LYS C 105 3.94 2.98 -21.47
C LYS C 105 4.09 2.95 -19.96
N HIS C 106 3.27 3.70 -19.22
CA HIS C 106 3.41 3.83 -17.77
C HIS C 106 2.43 2.96 -16.98
N ASN C 107 1.57 2.20 -17.66
CA ASN C 107 0.58 1.34 -17.00
C ASN C 107 -0.37 2.17 -16.13
N THR C 108 -1.06 3.09 -16.79
CA THR C 108 -2.01 3.96 -16.11
C THR C 108 -3.21 3.15 -15.65
N VAL C 109 -3.62 3.33 -14.40
CA VAL C 109 -4.80 2.71 -13.83
C VAL C 109 -5.69 3.81 -13.28
N TYR C 110 -7.00 3.71 -13.54
CA TYR C 110 -7.98 4.60 -12.94
C TYR C 110 -8.97 3.77 -12.13
N ALA C 111 -9.49 4.38 -11.07
CA ALA C 111 -10.36 3.70 -10.11
C ALA C 111 -11.74 4.35 -10.12
N VAL C 112 -12.78 3.52 -10.15
CA VAL C 112 -14.17 3.97 -10.10
C VAL C 112 -14.90 3.12 -9.08
N TYR C 113 -15.52 3.76 -8.09
CA TYR C 113 -16.34 3.05 -7.14
C TYR C 113 -17.80 3.14 -7.56
N LEU C 114 -18.44 1.99 -7.73
CA LEU C 114 -19.85 1.92 -8.00
C LEU C 114 -20.59 1.59 -6.70
N LYS C 115 -21.60 2.38 -6.36
CA LYS C 115 -22.47 2.08 -5.23
C LYS C 115 -23.90 1.96 -5.75
N VAL C 116 -24.50 0.79 -5.56
CA VAL C 116 -25.87 0.55 -5.96
C VAL C 116 -26.74 0.57 -4.72
N LEU C 117 -27.86 1.26 -4.81
CA LEU C 117 -28.77 1.46 -3.70
C LEU C 117 -30.09 0.76 -4.01
N GLU C 118 -30.54 -0.11 -3.09
CA GLU C 118 -31.78 -0.84 -3.27
C GLU C 118 -32.81 -0.35 -2.25
N PRO C 119 -33.94 0.24 -2.68
CA PRO C 119 -34.99 0.75 -1.77
C PRO C 119 -35.82 -0.36 -1.12
#